data_4A3Z
#
_entry.id   4A3Z
#
_cell.length_a   53.190
_cell.length_b   53.190
_cell.length_c   110.550
_cell.angle_alpha   90.00
_cell.angle_beta   90.00
_cell.angle_gamma   90.00
#
_symmetry.space_group_name_H-M   'P 43 21 2'
#
loop_
_entity.id
_entity.type
_entity.pdbx_description
1 polymer 'ALPHA-N-ACETYLGLUCOSAMINIDASE FAMILY PROTEIN'
2 non-polymer 'CALCIUM ION'
3 water water
#
_entity_poly.entity_id   1
_entity_poly.type   'polypeptide(L)'
_entity_poly.pdbx_seq_one_letter_code
;(MSE)GSSHHHHHHSSGLVPRGSH(MSE)ASANYVNIAENKNVSGSNSQSGNPLSNITDGDLSSLWISDNGA(MSE)PAN
ATIDLEGNNFVDFLELHFEKEGFRFQFKVEVEDESGNRETVLD(MSE)TSNTEDNKKSYNIPVKKEISKIHATITGKAPG
GSFDQAWAAIAEIKA(MSE)S
;
_entity_poly.pdbx_strand_id   A
#
# COMPACT_ATOMS: atom_id res chain seq x y z
N TYR A 26 -2.99 -18.39 -7.42
CA TYR A 26 -2.85 -17.70 -6.06
C TYR A 26 -4.18 -17.17 -5.52
N VAL A 27 -4.29 -17.16 -4.20
CA VAL A 27 -5.46 -16.60 -3.52
C VAL A 27 -5.02 -15.31 -2.81
N ASN A 28 -5.78 -14.24 -3.04
CA ASN A 28 -5.56 -12.96 -2.35
C ASN A 28 -6.25 -12.95 -1.00
N ILE A 29 -5.51 -13.30 0.04
CA ILE A 29 -6.07 -13.33 1.37
C ILE A 29 -6.30 -11.98 2.00
N ALA A 30 -5.83 -10.91 1.35
CA ALA A 30 -6.13 -9.54 1.79
C ALA A 30 -7.49 -9.06 1.35
N GLU A 31 -8.12 -9.75 0.38
CA GLU A 31 -9.34 -9.22 -0.20
C GLU A 31 -10.43 -9.11 0.87
N ASN A 32 -11.03 -7.91 0.97
CA ASN A 32 -12.12 -7.61 1.89
C ASN A 32 -11.72 -7.64 3.38
N LYS A 33 -10.42 -7.62 3.66
CA LYS A 33 -9.90 -7.44 5.01
C LYS A 33 -9.96 -5.95 5.36
N ASN A 34 -10.09 -5.67 6.63
CA ASN A 34 -10.30 -4.34 7.14
C ASN A 34 -9.04 -3.49 6.95
N VAL A 35 -9.27 -2.26 6.50
CA VAL A 35 -8.21 -1.27 6.30
C VAL A 35 -8.44 -0.10 7.27
N SER A 36 -7.37 0.25 7.97
CA SER A 36 -7.34 1.38 8.89
C SER A 36 -6.23 2.32 8.45
N GLY A 37 -6.20 3.53 9.00
CA GLY A 37 -5.14 4.43 8.60
C GLY A 37 -5.57 5.89 8.64
N SER A 38 -4.80 6.69 7.91
CA SER A 38 -4.99 8.12 7.94
C SER A 38 -6.22 8.55 7.06
N ASN A 39 -6.56 9.80 7.13
CA ASN A 39 -7.82 10.28 6.54
C ASN A 39 -7.81 10.22 5.02
N SER A 40 -9.00 10.12 4.48
CA SER A 40 -9.19 9.86 3.05
C SER A 40 -10.04 10.97 2.40
N GLN A 41 -9.84 11.20 1.13
CA GLN A 41 -10.74 12.04 0.37
C GLN A 41 -12.09 11.35 0.29
N SER A 42 -13.16 12.14 0.40
CA SER A 42 -14.49 11.64 0.14
C SER A 42 -14.53 10.89 -1.19
N GLY A 43 -15.15 9.72 -1.21
CA GLY A 43 -15.26 8.95 -2.41
C GLY A 43 -14.15 7.96 -2.66
N ASN A 44 -13.06 8.05 -1.87
CA ASN A 44 -11.88 7.26 -2.10
C ASN A 44 -11.37 6.70 -0.77
N PRO A 45 -12.18 5.86 -0.13
CA PRO A 45 -11.89 5.40 1.21
C PRO A 45 -10.77 4.39 1.29
N LEU A 46 -10.28 4.20 2.51
CA LEU A 46 -9.24 3.19 2.79
C LEU A 46 -9.67 1.80 2.32
N SER A 47 -10.95 1.49 2.46
CA SER A 47 -11.47 0.18 2.05
C SER A 47 -11.23 -0.15 0.58
N ASN A 48 -10.99 0.89 -0.24
CA ASN A 48 -10.68 0.63 -1.64
C ASN A 48 -9.32 -0.06 -1.84
N ILE A 49 -8.50 -0.16 -0.78
CA ILE A 49 -7.20 -0.85 -0.88
C ILE A 49 -7.35 -2.37 -0.96
N THR A 50 -8.45 -2.94 -0.40
CA THR A 50 -8.60 -4.40 -0.42
C THR A 50 -9.92 -4.84 -1.06
N ASP A 51 -10.48 -4.03 -1.95
CA ASP A 51 -11.79 -4.44 -2.57
C ASP A 51 -11.66 -5.35 -3.76
N GLY A 52 -10.43 -5.65 -4.18
CA GLY A 52 -10.21 -6.46 -5.36
C GLY A 52 -10.26 -5.74 -6.70
N ASP A 53 -10.49 -4.43 -6.69
CA ASP A 53 -10.67 -3.63 -7.89
C ASP A 53 -9.44 -2.77 -8.09
N LEU A 54 -8.66 -3.07 -9.12
CA LEU A 54 -7.41 -2.33 -9.37
C LEU A 54 -7.67 -0.89 -9.83
N SER A 55 -8.90 -0.55 -10.15
CA SER A 55 -9.26 0.80 -10.55
CA SER A 55 -9.26 0.80 -10.55
C SER A 55 -9.75 1.70 -9.41
N SER A 56 -10.14 1.11 -8.28
CA SER A 56 -10.64 1.90 -7.15
C SER A 56 -9.50 2.26 -6.21
N LEU A 57 -9.46 3.54 -5.84
CA LEU A 57 -8.35 4.11 -5.08
C LEU A 57 -8.73 4.56 -3.70
N TRP A 58 -7.80 4.39 -2.78
CA TRP A 58 -7.73 5.21 -1.59
C TRP A 58 -6.87 6.43 -1.93
N ILE A 59 -7.39 7.62 -1.61
CA ILE A 59 -6.65 8.88 -1.80
C ILE A 59 -6.56 9.59 -0.46
N SER A 60 -5.36 10.06 -0.11
CA SER A 60 -5.15 10.77 1.16
C SER A 60 -5.92 12.09 1.16
N ASP A 61 -6.59 12.42 2.25
CA ASP A 61 -7.40 13.60 2.40
C ASP A 61 -6.52 14.80 2.29
N ASN A 62 -7.01 15.71 1.46
CA ASN A 62 -6.27 16.96 1.15
C ASN A 62 -4.83 16.73 0.69
N GLY A 63 -4.50 15.54 0.24
CA GLY A 63 -3.18 15.17 -0.20
C GLY A 63 -2.12 15.18 0.86
N ALA A 64 -2.57 15.04 2.08
CA ALA A 64 -1.68 15.00 3.19
C ALA A 64 -0.58 13.96 3.06
N PRO A 66 2.84 12.58 5.69
CA PRO A 66 2.74 11.20 5.26
C PRO A 66 1.26 10.77 5.29
N ALA A 67 1.01 9.65 4.66
CA ALA A 67 -0.30 9.02 4.66
C ALA A 67 -0.05 7.51 4.86
N ASN A 68 -0.94 6.85 5.59
CA ASN A 68 -0.68 5.46 5.95
C ASN A 68 -1.93 4.63 5.93
N ALA A 69 -1.75 3.37 5.57
CA ALA A 69 -2.83 2.39 5.56
C ALA A 69 -2.31 1.09 6.16
N THR A 70 -3.16 0.43 6.96
CA THR A 70 -2.85 -0.87 7.59
C THR A 70 -3.98 -1.84 7.22
N ILE A 71 -3.59 -3.04 6.82
CA ILE A 71 -4.53 -4.12 6.55
C ILE A 71 -4.40 -5.15 7.70
N ASP A 72 -5.54 -5.49 8.29
CA ASP A 72 -5.62 -6.52 9.32
C ASP A 72 -6.02 -7.88 8.70
N LEU A 73 -5.07 -8.81 8.65
CA LEU A 73 -5.35 -10.11 8.08
C LEU A 73 -6.03 -11.03 9.07
N GLU A 74 -6.23 -10.54 10.31
CA GLU A 74 -6.89 -11.28 11.40
C GLU A 74 -6.05 -12.48 11.78
N GLY A 75 -4.95 -12.23 12.46
CA GLY A 75 -4.08 -13.30 12.87
C GLY A 75 -3.12 -13.73 11.80
N ASN A 76 -2.23 -14.64 12.21
CA ASN A 76 -1.08 -15.01 11.41
C ASN A 76 -1.56 -15.89 10.26
N ASN A 77 -1.14 -15.52 9.05
CA ASN A 77 -1.46 -16.26 7.83
C ASN A 77 -0.20 -16.30 7.00
N PHE A 78 0.14 -17.44 6.44
CA PHE A 78 1.28 -17.50 5.51
C PHE A 78 1.00 -16.62 4.30
N VAL A 79 1.95 -15.77 3.96
CA VAL A 79 1.88 -14.95 2.75
C VAL A 79 3.12 -15.19 1.94
N ASP A 80 2.94 -15.58 0.67
CA ASP A 80 4.07 -15.76 -0.23
C ASP A 80 4.64 -14.39 -0.63
N PHE A 81 3.78 -13.54 -1.21
CA PHE A 81 4.21 -12.20 -1.62
C PHE A 81 3.04 -11.24 -1.57
N LEU A 82 3.37 -9.96 -1.47
CA LEU A 82 2.41 -8.87 -1.62
C LEU A 82 2.47 -8.30 -3.02
N GLU A 83 1.35 -7.69 -3.45
CA GLU A 83 1.37 -6.80 -4.58
C GLU A 83 0.87 -5.45 -4.11
N LEU A 84 1.63 -4.40 -4.37
CA LEU A 84 1.19 -3.00 -4.14
C LEU A 84 0.92 -2.39 -5.51
N HIS A 85 -0.33 -1.95 -5.71
CA HIS A 85 -0.76 -1.37 -6.95
C HIS A 85 -1.08 0.10 -6.77
N PHE A 86 -0.51 0.92 -7.63
CA PHE A 86 -0.89 2.31 -7.79
C PHE A 86 -1.88 2.47 -8.93
N GLU A 87 -2.43 3.67 -9.04
CA GLU A 87 -3.45 3.95 -10.07
C GLU A 87 -2.90 3.70 -11.49
N LYS A 88 -1.64 4.11 -11.68
CA LYS A 88 -0.98 4.10 -13.01
C LYS A 88 0.51 4.24 -12.75
N GLU A 89 1.31 3.96 -13.75
CA GLU A 89 2.75 4.13 -13.65
C GLU A 89 3.10 5.60 -13.73
N GLY A 90 4.24 5.94 -13.17
CA GLY A 90 4.81 7.24 -13.38
C GLY A 90 4.74 8.23 -12.27
N PHE A 91 4.13 7.87 -11.12
CA PHE A 91 4.27 8.69 -9.96
C PHE A 91 5.73 8.70 -9.48
N ARG A 92 6.06 9.60 -8.57
CA ARG A 92 7.39 9.55 -7.92
C ARG A 92 7.19 9.60 -6.41
N PHE A 93 6.31 8.73 -5.93
CA PHE A 93 6.15 8.58 -4.49
C PHE A 93 7.39 7.97 -3.83
N GLN A 94 7.57 8.35 -2.58
CA GLN A 94 8.48 7.77 -1.62
C GLN A 94 7.61 7.06 -0.61
N PHE A 95 7.88 5.79 -0.36
CA PHE A 95 6.98 4.94 0.41
C PHE A 95 7.70 3.74 0.99
N LYS A 96 7.06 3.11 1.95
CA LYS A 96 7.58 1.87 2.55
C LYS A 96 6.43 0.94 2.78
N VAL A 97 6.75 -0.36 2.76
CA VAL A 97 5.81 -1.41 3.12
C VAL A 97 6.46 -2.24 4.22
N GLU A 98 5.70 -2.47 5.30
CA GLU A 98 6.14 -3.26 6.46
C GLU A 98 5.12 -4.36 6.68
N VAL A 99 5.55 -5.42 7.35
CA VAL A 99 4.65 -6.49 7.78
C VAL A 99 4.87 -6.69 9.26
N GLU A 100 3.87 -7.29 9.89
CA GLU A 100 3.92 -7.56 11.32
C GLU A 100 3.25 -8.90 11.55
N ASP A 101 3.76 -9.65 12.53
CA ASP A 101 3.11 -10.88 12.98
C ASP A 101 2.35 -10.68 14.29
N GLU A 102 1.71 -11.72 14.80
CA GLU A 102 0.93 -11.61 16.07
C GLU A 102 1.83 -11.22 17.23
N SER A 103 3.10 -11.53 17.08
CA SER A 103 4.15 -11.22 18.04
C SER A 103 4.30 -9.75 18.34
N GLY A 104 3.97 -8.88 17.38
CA GLY A 104 4.41 -7.50 17.46
C GLY A 104 5.72 -7.27 16.66
N ASN A 105 6.33 -8.35 16.15
CA ASN A 105 7.49 -8.16 15.27
C ASN A 105 7.04 -7.48 13.96
N ARG A 106 7.33 -6.18 13.86
CA ARG A 106 7.20 -5.33 12.67
C ARG A 106 8.51 -5.08 11.90
N GLU A 107 8.46 -5.26 10.58
CA GLU A 107 9.63 -5.36 9.75
C GLU A 107 9.37 -4.77 8.38
N THR A 108 10.34 -4.02 7.87
CA THR A 108 10.23 -3.43 6.54
C THR A 108 10.56 -4.47 5.48
N VAL A 109 9.66 -4.60 4.51
CA VAL A 109 9.82 -5.54 3.37
C VAL A 109 10.14 -4.82 2.06
N LEU A 110 9.81 -3.52 1.94
CA LEU A 110 10.20 -2.71 0.79
C LEU A 110 10.36 -1.29 1.29
N ASP A 111 11.51 -0.67 1.03
CA ASP A 111 11.79 0.67 1.49
C ASP A 111 12.15 1.52 0.26
N THR A 113 11.69 4.89 0.50
CA THR A 113 11.57 6.21 1.09
C THR A 113 12.54 7.26 0.52
N SER A 114 13.61 6.81 -0.13
CA SER A 114 14.56 7.70 -0.80
CA SER A 114 14.56 7.70 -0.81
C SER A 114 14.36 7.71 -2.32
N ASN A 115 13.30 7.07 -2.80
CA ASN A 115 13.09 7.02 -4.22
C ASN A 115 13.01 8.39 -4.89
N THR A 116 13.64 8.49 -6.04
CA THR A 116 13.55 9.71 -6.88
C THR A 116 13.05 9.43 -8.30
N GLU A 117 12.94 8.16 -8.68
CA GLU A 117 12.58 7.78 -10.05
C GLU A 117 11.10 7.57 -10.25
N ASP A 118 10.69 7.55 -11.51
CA ASP A 118 9.36 7.12 -11.87
C ASP A 118 9.07 5.77 -11.18
N ASN A 119 7.87 5.67 -10.60
CA ASN A 119 7.39 4.43 -9.98
C ASN A 119 6.77 3.53 -11.07
N LYS A 120 6.89 2.23 -10.85
CA LYS A 120 6.11 1.26 -11.60
C LYS A 120 4.63 1.42 -11.20
N LYS A 121 3.75 0.85 -11.99
CA LYS A 121 2.35 0.75 -11.64
C LYS A 121 2.13 -0.15 -10.46
N SER A 122 2.89 -1.23 -10.37
CA SER A 122 2.76 -2.14 -9.25
C SER A 122 4.08 -2.77 -8.88
N TYR A 123 4.14 -3.22 -7.64
CA TYR A 123 5.34 -3.78 -7.00
C TYR A 123 4.96 -5.13 -6.40
N ASN A 124 5.71 -6.16 -6.74
CA ASN A 124 5.64 -7.42 -6.01
C ASN A 124 6.69 -7.37 -4.88
N ILE A 125 6.34 -7.93 -3.72
CA ILE A 125 7.24 -7.89 -2.55
C ILE A 125 7.21 -9.29 -1.90
N PRO A 126 8.36 -9.98 -1.83
CA PRO A 126 8.35 -11.27 -1.16
C PRO A 126 8.18 -11.12 0.34
N VAL A 127 7.44 -12.06 0.93
CA VAL A 127 7.27 -12.14 2.37
C VAL A 127 7.71 -13.53 2.86
N LYS A 128 7.00 -14.57 2.39
CA LYS A 128 7.41 -15.97 2.59
C LYS A 128 7.43 -16.35 4.06
N LYS A 129 6.38 -15.92 4.76
CA LYS A 129 6.23 -16.23 6.18
C LYS A 129 4.84 -15.88 6.64
N GLU A 130 4.51 -16.29 7.86
CA GLU A 130 3.25 -15.94 8.49
C GLU A 130 3.30 -14.49 8.96
N ILE A 131 2.27 -13.74 8.56
CA ILE A 131 2.07 -12.37 9.01
C ILE A 131 0.63 -12.13 9.34
N SER A 132 0.38 -11.10 10.16
CA SER A 132 -0.96 -10.76 10.57
C SER A 132 -1.42 -9.37 10.12
N LYS A 133 -0.47 -8.48 9.81
CA LYS A 133 -0.80 -7.12 9.33
C LYS A 133 0.16 -6.68 8.25
N ILE A 134 -0.33 -5.78 7.40
CA ILE A 134 0.48 -5.13 6.33
C ILE A 134 0.34 -3.64 6.57
N HIS A 135 1.46 -2.93 6.57
CA HIS A 135 1.47 -1.48 6.74
C HIS A 135 2.11 -0.79 5.56
N ALA A 136 1.36 0.08 4.86
CA ALA A 136 1.93 0.90 3.83
C ALA A 136 1.92 2.35 4.20
N THR A 137 3.04 3.03 3.97
CA THR A 137 3.13 4.44 4.27
C THR A 137 3.73 5.18 3.09
N ILE A 138 3.08 6.26 2.67
CA ILE A 138 3.63 7.14 1.63
C ILE A 138 4.17 8.33 2.37
N THR A 139 5.48 8.48 2.35
CA THR A 139 6.14 9.46 3.19
C THR A 139 6.44 10.77 2.45
N GLY A 140 6.46 10.76 1.14
CA GLY A 140 6.82 11.92 0.37
C GLY A 140 6.75 11.68 -1.11
N LYS A 141 7.25 12.64 -1.90
CA LYS A 141 7.28 12.53 -3.33
C LYS A 141 8.54 13.26 -3.80
N ALA A 142 9.21 12.73 -4.82
CA ALA A 142 10.35 13.44 -5.44
C ALA A 142 9.81 14.37 -6.50
N PRO A 143 10.56 15.40 -6.88
CA PRO A 143 10.11 16.28 -7.92
C PRO A 143 10.07 15.68 -9.33
N GLY A 144 9.18 16.23 -10.17
CA GLY A 144 9.18 15.95 -11.61
C GLY A 144 8.36 14.78 -12.05
N GLY A 145 8.56 14.40 -13.29
CA GLY A 145 7.68 13.42 -13.92
C GLY A 145 6.37 13.99 -14.39
N SER A 146 5.52 13.08 -14.84
CA SER A 146 4.27 13.42 -15.47
C SER A 146 3.18 13.83 -14.50
N PHE A 147 3.29 13.45 -13.24
CA PHE A 147 2.21 13.63 -12.29
C PHE A 147 2.74 14.27 -10.99
N ASP A 148 3.44 15.40 -11.09
CA ASP A 148 4.18 15.92 -9.94
C ASP A 148 3.34 16.54 -8.81
N GLN A 149 2.06 16.68 -9.02
CA GLN A 149 1.21 17.24 -7.99
C GLN A 149 0.27 16.17 -7.46
N ALA A 150 0.53 14.90 -7.83
CA ALA A 150 -0.37 13.82 -7.42
C ALA A 150 -0.43 13.68 -5.91
N TRP A 151 -1.62 13.39 -5.42
CA TRP A 151 -1.83 13.10 -4.03
C TRP A 151 -1.48 11.65 -3.70
N ALA A 152 -0.96 11.41 -2.52
CA ALA A 152 -0.74 10.04 -2.05
C ALA A 152 -1.99 9.20 -2.22
N ALA A 153 -1.84 8.02 -2.81
CA ALA A 153 -2.97 7.17 -3.18
C ALA A 153 -2.50 5.77 -3.51
N ILE A 154 -3.33 4.78 -3.17
CA ILE A 154 -3.04 3.36 -3.42
C ILE A 154 -4.28 2.75 -4.07
N ALA A 155 -4.11 1.97 -5.13
CA ALA A 155 -5.21 1.27 -5.81
C ALA A 155 -5.57 -0.07 -5.15
N GLU A 156 -4.55 -0.80 -4.69
CA GLU A 156 -4.79 -2.12 -4.15
C GLU A 156 -3.54 -2.61 -3.47
N ILE A 157 -3.74 -3.36 -2.38
CA ILE A 157 -2.67 -4.22 -1.87
C ILE A 157 -3.24 -5.62 -1.73
N LYS A 158 -2.60 -6.55 -2.43
CA LYS A 158 -2.95 -7.96 -2.37
C LYS A 158 -1.90 -8.71 -1.55
N ALA A 159 -2.34 -9.80 -0.92
CA ALA A 159 -1.44 -10.70 -0.18
C ALA A 159 -1.72 -12.09 -0.69
N SER A 161 -1.24 -16.11 -1.28
CA SER A 161 -0.75 -17.40 -0.83
C SER A 161 -1.33 -18.56 -1.70
#